data_4WNK
#
_entry.id   4WNK
#
_cell.length_a   48.106
_cell.length_b   70.104
_cell.length_c   182.825
_cell.angle_alpha   90.00
_cell.angle_beta   90.00
_cell.angle_gamma   90.00
#
_symmetry.space_group_name_H-M   'P 21 21 21'
#
loop_
_entity.id
_entity.type
_entity.pdbx_description
1 polymer 'G protein-coupled receptor kinase 5'
2 non-polymer (4S)-4-{4-fluoro-3-[(pyridin-2-ylmethyl)carbamoyl]phenyl}-N-(1H-indazol-5-yl)-6-methyl-2-oxo-1,2,3,4-tetrahydropyrimidine-5-carboxamide
3 non-polymer 'SULFATE ION'
4 water water
#
_entity_poly.entity_id   1
_entity_poly.type   'polypeptide(L)'
_entity_poly.pdbx_seq_one_letter_code
;MELENIVANTVLLKAREGGGGKRKGKSKKWKEILKFPHINQCEDLRRTIDRDYCSLCDKQPVGRLLFRQFCETRPGLESY
IQFLDSVAEYEVTPDEKLGEKGKEIMTKYLTPKSPVFITQVGRDLVSQTEEKLLQKPCKELFSACVQSVHDYLRGEPFHE
YLDSMYFDRFLQWKWLERQPVTKNTFRQYRVLGKGGFGEVCACQVRATGKMYACKRLEKKRIKKRKGESMALNEKQILEK
VNSRFVVNLAYAYETKDALCLVLTIMNGGDLKFHIYNMGNPGFEEERALFYAAEILCGLEDLHHENIVYRDLKPENILLD
DYGHIRISDLGLAVKIPEGDLIRGRVGTVGYMAPEVLNNQRYGLSPDYWGLGCLIYEMIEGQSPFRGRKEKVKREEVDRR
VLETEEVYSHKFSEEAKSICKMLLTKDAKQRLGCQEEGAAEVKRHPFFRNMNFKRLEAGMLDPPFVPDPRAVYCKDVLDI
EQFSTVKGVNLDHTDDDFYSKFSTGSVPIPWQSEMIETECFKELNVFGPHGTLSPDLNRSHPPEPPKKGLLQRLFKRQHQ
NNSKSSPNSKTSFNHHINSNHVSSNSTGSSVDHHHHHH
;
_entity_poly.pdbx_strand_id   A
#
loop_
_chem_comp.id
_chem_comp.type
_chem_comp.name
_chem_comp.formula
453 non-polymer (4S)-4-{4-fluoro-3-[(pyridin-2-ylmethyl)carbamoyl]phenyl}-N-(1H-indazol-5-yl)-6-methyl-2-oxo-1,2,3,4-tetrahydropyrimidine-5-carboxamide 'C26 H22 F N7 O3'
SO4 non-polymer 'SULFATE ION' 'O4 S -2'
#
# COMPACT_ATOMS: atom_id res chain seq x y z
N LYS A 24 -23.63 -4.72 -10.62
CA LYS A 24 -22.79 -3.50 -10.44
C LYS A 24 -21.52 -3.54 -11.30
N GLY A 25 -21.71 -3.71 -12.61
CA GLY A 25 -20.60 -3.88 -13.56
C GLY A 25 -20.04 -5.30 -13.67
N LYS A 26 -20.74 -6.26 -13.07
CA LYS A 26 -20.34 -7.67 -13.15
C LYS A 26 -20.87 -8.26 -14.45
N SER A 27 -20.17 -9.23 -15.03
CA SER A 27 -20.66 -9.87 -16.26
C SER A 27 -21.84 -10.73 -15.84
N LYS A 28 -22.61 -11.18 -16.81
CA LYS A 28 -23.79 -11.96 -16.48
C LYS A 28 -23.47 -13.34 -15.88
N LYS A 29 -22.32 -13.92 -16.26
CA LYS A 29 -21.94 -15.29 -15.88
C LYS A 29 -20.97 -15.37 -14.70
N TRP A 30 -20.90 -14.30 -13.90
CA TRP A 30 -19.87 -14.21 -12.90
C TRP A 30 -19.95 -15.35 -11.90
N LYS A 31 -21.16 -15.78 -11.59
CA LYS A 31 -21.30 -16.90 -10.68
C LYS A 31 -20.74 -18.19 -11.29
N GLU A 32 -20.82 -18.32 -12.61
CA GLU A 32 -20.18 -19.45 -13.29
C GLU A 32 -18.66 -19.27 -13.33
N ILE A 33 -18.20 -18.07 -13.68
CA ILE A 33 -16.77 -17.79 -13.70
C ILE A 33 -16.14 -18.11 -12.35
N LEU A 34 -16.82 -17.71 -11.27
CA LEU A 34 -16.32 -17.92 -9.91
C LEU A 34 -16.88 -19.16 -9.17
N LYS A 35 -17.66 -19.99 -9.85
CA LYS A 35 -18.05 -21.32 -9.34
C LYS A 35 -16.95 -22.01 -8.52
N PHE A 36 -17.28 -22.42 -7.30
CA PHE A 36 -16.31 -23.16 -6.49
C PHE A 36 -15.96 -24.46 -7.16
N PRO A 37 -14.70 -24.89 -7.01
CA PRO A 37 -14.35 -26.23 -7.44
C PRO A 37 -14.89 -27.18 -6.42
N HIS A 38 -15.06 -28.43 -6.79
CA HIS A 38 -15.33 -29.44 -5.81
C HIS A 38 -14.17 -29.57 -4.80
N ILE A 39 -14.49 -29.84 -3.55
CA ILE A 39 -13.46 -29.89 -2.50
C ILE A 39 -12.28 -30.87 -2.74
N ASN A 40 -12.50 -32.00 -3.40
CA ASN A 40 -11.40 -32.94 -3.69
C ASN A 40 -10.36 -32.43 -4.70
N GLN A 41 -10.74 -31.48 -5.56
CA GLN A 41 -9.80 -30.82 -6.49
C GLN A 41 -8.79 -29.94 -5.74
N CYS A 42 -9.08 -29.64 -4.47
CA CYS A 42 -8.17 -28.90 -3.60
C CYS A 42 -7.29 -29.83 -2.77
N GLU A 43 -7.30 -31.13 -3.08
CA GLU A 43 -6.42 -32.03 -2.35
C GLU A 43 -5.00 -31.52 -2.43
N ASP A 44 -4.53 -31.26 -3.64
CA ASP A 44 -3.18 -30.79 -3.81
C ASP A 44 -2.81 -29.52 -2.99
N LEU A 45 -3.73 -28.58 -2.91
CA LEU A 45 -3.51 -27.36 -2.13
C LEU A 45 -3.38 -27.65 -0.65
N ARG A 46 -4.22 -28.55 -0.15
CA ARG A 46 -4.26 -28.88 1.28
C ARG A 46 -2.89 -29.31 1.79
N ARG A 47 -2.25 -30.17 1.01
CA ARG A 47 -0.97 -30.74 1.38
C ARG A 47 0.14 -29.70 1.38
N THR A 48 -0.02 -28.66 0.55
CA THR A 48 1.06 -27.74 0.24
C THR A 48 0.67 -26.31 0.52
N ILE A 49 0.21 -26.06 1.73
CA ILE A 49 -0.10 -24.71 2.18
C ILE A 49 0.36 -24.57 3.61
N ASP A 50 1.17 -23.55 3.85
CA ASP A 50 1.74 -23.33 5.16
C ASP A 50 0.58 -23.02 6.10
N ARG A 51 0.51 -23.77 7.19
CA ARG A 51 -0.61 -23.70 8.10
C ARG A 51 -0.28 -22.76 9.26
N ASP A 52 -0.22 -21.47 8.91
CA ASP A 52 0.25 -20.38 9.77
C ASP A 52 -0.95 -19.56 10.18
N TYR A 53 -1.13 -19.43 11.48
CA TYR A 53 -2.25 -18.73 12.05
C TYR A 53 -2.36 -17.30 11.58
N CYS A 54 -1.31 -16.53 11.80
CA CYS A 54 -1.36 -15.10 11.50
CA CYS A 54 -1.32 -15.10 11.49
C CYS A 54 -1.71 -14.90 10.04
N SER A 55 -1.09 -15.65 9.14
CA SER A 55 -1.43 -15.55 7.75
C SER A 55 -2.86 -16.01 7.45
N LEU A 56 -3.24 -17.18 7.96
CA LEU A 56 -4.50 -17.79 7.54
C LEU A 56 -5.74 -17.26 8.21
N CYS A 57 -5.59 -16.58 9.35
CA CYS A 57 -6.75 -16.17 10.14
C CYS A 57 -6.79 -14.68 10.43
N ASP A 58 -5.73 -13.96 10.07
CA ASP A 58 -5.69 -12.52 10.26
C ASP A 58 -5.30 -11.78 8.98
N LYS A 59 -4.15 -12.14 8.39
CA LYS A 59 -3.61 -11.35 7.29
C LYS A 59 -4.39 -11.57 6.01
N GLN A 60 -4.74 -12.82 5.69
CA GLN A 60 -5.49 -13.08 4.49
C GLN A 60 -6.96 -12.83 4.79
N PRO A 61 -7.56 -11.80 4.13
CA PRO A 61 -8.89 -11.29 4.53
C PRO A 61 -10.05 -12.27 4.44
N VAL A 62 -10.02 -13.13 3.42
CA VAL A 62 -11.01 -14.19 3.30
C VAL A 62 -10.79 -15.25 4.35
N GLY A 63 -9.54 -15.52 4.67
CA GLY A 63 -9.22 -16.46 5.75
C GLY A 63 -9.68 -15.93 7.09
N ARG A 64 -9.46 -14.64 7.32
CA ARG A 64 -9.97 -13.98 8.52
C ARG A 64 -11.50 -14.15 8.68
N LEU A 65 -12.26 -13.79 7.65
CA LEU A 65 -13.73 -13.90 7.74
C LEU A 65 -14.23 -15.33 8.00
N LEU A 66 -13.54 -16.31 7.43
CA LEU A 66 -13.93 -17.69 7.55
C LEU A 66 -13.58 -18.21 8.94
N PHE A 67 -12.39 -17.89 9.42
CA PHE A 67 -12.03 -18.22 10.76
C PHE A 67 -13.03 -17.57 11.71
N ARG A 68 -13.41 -16.33 11.44
CA ARG A 68 -14.41 -15.69 12.30
C ARG A 68 -15.75 -16.41 12.25
N GLN A 69 -16.21 -16.74 11.06
CA GLN A 69 -17.44 -17.50 10.96
C GLN A 69 -17.42 -18.77 11.78
N PHE A 70 -16.33 -19.51 11.67
CA PHE A 70 -16.13 -20.73 12.44
C PHE A 70 -16.26 -20.49 13.94
N CYS A 71 -15.60 -19.45 14.43
CA CYS A 71 -15.71 -19.02 15.81
C CYS A 71 -17.12 -18.75 16.26
N GLU A 72 -17.92 -18.12 15.43
CA GLU A 72 -19.29 -17.77 15.78
C GLU A 72 -20.15 -19.03 15.97
N THR A 73 -19.69 -20.19 15.48
CA THR A 73 -20.36 -21.45 15.78
C THR A 73 -19.87 -22.18 17.03
N ARG A 74 -18.82 -21.69 17.70
CA ARG A 74 -18.35 -22.35 18.92
C ARG A 74 -18.64 -21.50 20.14
N PRO A 75 -19.51 -22.01 21.03
CA PRO A 75 -19.84 -21.25 22.22
C PRO A 75 -18.54 -20.83 22.88
N GLY A 76 -18.38 -19.51 23.06
CA GLY A 76 -17.28 -18.96 23.84
C GLY A 76 -16.27 -18.17 23.06
N LEU A 77 -16.01 -18.56 21.83
CA LEU A 77 -15.02 -17.90 20.98
C LEU A 77 -15.48 -16.54 20.43
N GLU A 78 -16.76 -16.42 20.14
CA GLU A 78 -17.30 -15.13 19.69
C GLU A 78 -17.02 -14.00 20.72
N SER A 79 -16.71 -14.36 21.95
CA SER A 79 -16.25 -13.38 22.95
C SER A 79 -14.88 -12.78 22.59
N TYR A 80 -13.96 -13.65 22.19
CA TYR A 80 -12.60 -13.28 21.88
C TYR A 80 -12.51 -12.42 20.62
N ILE A 81 -13.47 -12.60 19.73
CA ILE A 81 -13.54 -11.82 18.50
C ILE A 81 -14.29 -10.51 18.71
N GLN A 82 -15.30 -10.54 19.57
CA GLN A 82 -16.02 -9.34 19.91
C GLN A 82 -15.06 -8.38 20.57
N PHE A 83 -14.24 -8.94 21.46
CA PHE A 83 -13.19 -8.20 22.14
C PHE A 83 -12.23 -7.58 21.13
N LEU A 84 -11.77 -8.38 20.17
CA LEU A 84 -10.84 -7.92 19.15
C LEU A 84 -11.42 -6.80 18.29
N ASP A 85 -12.73 -6.85 18.03
CA ASP A 85 -13.42 -5.77 17.30
C ASP A 85 -13.53 -4.53 18.15
N SER A 86 -13.88 -4.71 19.42
CA SER A 86 -13.91 -3.63 20.40
C SER A 86 -12.58 -2.88 20.46
N VAL A 87 -11.46 -3.61 20.44
CA VAL A 87 -10.13 -2.99 20.39
C VAL A 87 -9.84 -2.33 19.03
N ALA A 88 -10.27 -2.95 17.93
CA ALA A 88 -10.19 -2.30 16.62
C ALA A 88 -10.77 -0.88 16.73
N GLU A 89 -11.98 -0.80 17.27
CA GLU A 89 -12.72 0.46 17.40
C GLU A 89 -11.95 1.42 18.30
N TYR A 90 -11.34 0.87 19.35
CA TYR A 90 -10.52 1.67 20.26
C TYR A 90 -9.30 2.29 19.58
N GLU A 91 -8.58 1.49 18.81
CA GLU A 91 -7.38 1.97 18.13
C GLU A 91 -7.67 3.07 17.10
N VAL A 92 -8.93 3.18 16.68
CA VAL A 92 -9.41 4.25 15.79
C VAL A 92 -10.10 5.39 16.58
N THR A 93 -10.31 5.20 17.89
CA THR A 93 -10.96 6.22 18.74
C THR A 93 -10.00 7.39 19.00
N PRO A 94 -10.51 8.66 18.97
CA PRO A 94 -9.66 9.80 19.32
C PRO A 94 -9.24 9.85 20.81
N ASP A 95 -8.30 10.72 21.13
CA ASP A 95 -7.66 10.78 22.46
C ASP A 95 -8.61 11.27 23.60
N GLU A 96 -9.36 12.33 23.33
CA GLU A 96 -10.43 12.83 24.21
C GLU A 96 -11.43 11.75 24.68
N LYS A 97 -11.71 10.77 23.81
CA LYS A 97 -12.66 9.69 24.10
C LYS A 97 -11.97 8.33 24.24
N LEU A 98 -10.64 8.34 24.29
CA LEU A 98 -9.86 7.13 24.49
C LEU A 98 -10.11 6.55 25.90
N GLY A 99 -10.30 7.43 26.88
CA GLY A 99 -10.57 7.01 28.26
C GLY A 99 -11.93 6.34 28.41
N GLU A 100 -12.98 7.03 27.98
CA GLU A 100 -14.36 6.52 28.05
C GLU A 100 -14.51 5.16 27.34
N LYS A 101 -13.81 5.01 26.22
CA LYS A 101 -13.85 3.78 25.45
C LYS A 101 -13.01 2.70 26.12
N GLY A 102 -11.86 3.08 26.66
CA GLY A 102 -11.02 2.15 27.42
C GLY A 102 -11.74 1.56 28.62
N LYS A 103 -12.53 2.40 29.30
CA LYS A 103 -13.30 1.99 30.47
C LYS A 103 -14.46 1.07 30.08
N GLU A 104 -15.07 1.35 28.93
CA GLU A 104 -16.19 0.53 28.45
C GLU A 104 -15.70 -0.90 28.19
N ILE A 105 -14.57 -1.00 27.49
CA ILE A 105 -13.95 -2.28 27.17
C ILE A 105 -13.51 -3.04 28.41
N MET A 106 -12.96 -2.33 29.38
CA MET A 106 -12.59 -2.94 30.65
C MET A 106 -13.78 -3.66 31.29
N THR A 107 -14.91 -2.96 31.43
CA THR A 107 -16.09 -3.52 32.14
C THR A 107 -17.08 -4.26 31.22
N LYS A 108 -16.67 -4.53 29.99
CA LYS A 108 -17.37 -5.47 29.16
C LYS A 108 -16.65 -6.82 29.16
N TYR A 109 -15.32 -6.81 29.24
CA TYR A 109 -14.52 -8.00 28.92
C TYR A 109 -13.44 -8.46 29.88
N LEU A 110 -12.99 -7.63 30.83
CA LEU A 110 -11.73 -7.94 31.54
C LEU A 110 -11.73 -7.98 33.07
N THR A 111 -12.77 -7.44 33.69
CA THR A 111 -12.83 -7.37 35.15
C THR A 111 -13.25 -8.73 35.70
N PRO A 112 -13.20 -8.88 37.03
CA PRO A 112 -13.76 -10.10 37.61
C PRO A 112 -15.24 -10.25 37.28
N LYS A 113 -15.96 -9.12 37.24
CA LYS A 113 -17.42 -9.11 37.19
C LYS A 113 -18.01 -8.87 35.80
N SER A 114 -17.14 -8.58 34.83
CA SER A 114 -17.57 -8.23 33.49
C SER A 114 -18.42 -9.32 32.80
N PRO A 115 -19.39 -8.91 31.97
CA PRO A 115 -20.38 -9.82 31.38
C PRO A 115 -19.81 -10.78 30.33
N VAL A 116 -18.70 -10.40 29.71
CA VAL A 116 -18.08 -11.20 28.68
C VAL A 116 -16.61 -11.42 29.06
N PHE A 117 -16.40 -11.88 30.30
CA PHE A 117 -15.04 -12.11 30.81
C PHE A 117 -14.28 -13.12 29.97
N ILE A 118 -13.07 -12.71 29.63
CA ILE A 118 -12.15 -13.46 28.84
C ILE A 118 -11.08 -13.94 29.78
N THR A 119 -10.98 -15.25 29.96
CA THR A 119 -10.14 -15.80 30.99
C THR A 119 -8.72 -16.02 30.50
N GLN A 120 -8.53 -16.15 29.19
CA GLN A 120 -7.20 -16.45 28.65
C GLN A 120 -6.28 -15.23 28.54
N VAL A 121 -6.76 -14.04 28.91
CA VAL A 121 -5.88 -12.88 29.13
C VAL A 121 -5.58 -12.86 30.60
N GLY A 122 -4.29 -12.89 30.95
CA GLY A 122 -3.88 -12.97 32.35
C GLY A 122 -4.58 -11.91 33.19
N ARG A 123 -4.80 -12.20 34.47
CA ARG A 123 -5.25 -11.19 35.42
C ARG A 123 -4.06 -10.27 35.70
N ASP A 124 -2.86 -10.86 35.62
CA ASP A 124 -1.59 -10.15 35.70
C ASP A 124 -1.47 -9.07 34.63
N LEU A 125 -1.90 -9.40 33.41
CA LEU A 125 -1.90 -8.43 32.31
C LEU A 125 -3.06 -7.46 32.42
N VAL A 126 -4.20 -7.93 32.90
CA VAL A 126 -5.31 -7.04 33.27
C VAL A 126 -4.78 -5.95 34.22
N SER A 127 -3.99 -6.37 35.21
CA SER A 127 -3.43 -5.44 36.21
C SER A 127 -2.53 -4.38 35.60
N GLN A 128 -1.57 -4.82 34.80
CA GLN A 128 -0.63 -3.91 34.12
C GLN A 128 -1.34 -2.90 33.25
N THR A 129 -2.38 -3.38 32.57
CA THR A 129 -3.17 -2.58 31.66
C THR A 129 -4.06 -1.55 32.35
N GLU A 130 -4.55 -1.87 33.55
CA GLU A 130 -5.32 -0.90 34.35
C GLU A 130 -4.42 0.25 34.77
N GLU A 131 -3.19 -0.08 35.14
CA GLU A 131 -2.22 0.91 35.62
C GLU A 131 -1.75 1.84 34.50
N LYS A 132 -1.44 1.28 33.34
CA LYS A 132 -1.15 2.10 32.17
C LYS A 132 -2.36 2.94 31.77
N LEU A 133 -3.57 2.43 32.06
CA LEU A 133 -4.80 3.15 31.70
C LEU A 133 -4.99 4.36 32.59
N LEU A 134 -5.03 4.14 33.90
CA LEU A 134 -5.26 5.22 34.86
C LEU A 134 -4.20 6.30 34.81
N GLN A 135 -3.08 6.03 34.14
CA GLN A 135 -2.08 7.06 33.93
C GLN A 135 -2.52 7.98 32.79
N LYS A 136 -2.43 7.52 31.55
CA LYS A 136 -2.98 8.25 30.42
C LYS A 136 -3.05 7.29 29.25
N PRO A 137 -4.24 7.16 28.63
CA PRO A 137 -4.47 6.08 27.69
C PRO A 137 -3.56 6.16 26.46
N CYS A 138 -2.88 5.04 26.19
CA CYS A 138 -1.85 4.96 25.15
C CYS A 138 -2.38 4.13 23.98
N LYS A 139 -2.51 4.74 22.81
CA LYS A 139 -3.19 4.13 21.66
C LYS A 139 -3.01 2.60 21.48
N GLU A 140 -1.78 2.12 21.64
CA GLU A 140 -1.50 0.68 21.65
C GLU A 140 -1.50 0.17 23.10
N LEU A 141 -2.63 0.39 23.77
CA LEU A 141 -2.82 0.05 25.18
C LEU A 141 -2.96 -1.46 25.34
N PHE A 142 -3.83 -2.06 24.53
CA PHE A 142 -4.05 -3.49 24.56
C PHE A 142 -3.08 -4.22 23.63
N SER A 143 -1.82 -3.82 23.68
CA SER A 143 -0.77 -4.47 22.90
C SER A 143 -0.64 -5.91 23.39
N ALA A 144 -0.40 -6.06 24.69
CA ALA A 144 -0.19 -7.37 25.31
C ALA A 144 -1.45 -8.26 25.36
N CYS A 145 -2.62 -7.65 25.51
CA CYS A 145 -3.85 -8.40 25.68
C CYS A 145 -4.29 -8.98 24.37
N VAL A 146 -4.14 -8.21 23.31
CA VAL A 146 -4.40 -8.71 21.97
C VAL A 146 -3.43 -9.85 21.64
N GLN A 147 -2.15 -9.64 21.94
CA GLN A 147 -1.16 -10.68 21.76
C GLN A 147 -1.62 -12.00 22.39
N SER A 148 -1.87 -12.01 23.70
CA SER A 148 -2.22 -13.27 24.40
C SER A 148 -3.50 -13.91 23.86
N VAL A 149 -4.51 -13.10 23.57
CA VAL A 149 -5.67 -13.56 22.83
C VAL A 149 -5.22 -14.37 21.60
N HIS A 150 -4.39 -13.78 20.74
CA HIS A 150 -3.91 -14.53 19.57
C HIS A 150 -3.19 -15.81 19.97
N ASP A 151 -2.40 -15.72 21.05
CA ASP A 151 -1.72 -16.90 21.61
C ASP A 151 -2.70 -18.00 21.98
N TYR A 152 -3.88 -17.64 22.45
CA TYR A 152 -4.94 -18.62 22.69
C TYR A 152 -5.52 -19.15 21.38
N LEU A 153 -5.98 -18.23 20.52
CA LEU A 153 -6.67 -18.63 19.31
C LEU A 153 -5.84 -19.53 18.39
N ARG A 154 -4.52 -19.36 18.41
CA ARG A 154 -3.65 -20.16 17.55
C ARG A 154 -3.43 -21.60 17.97
N GLY A 155 -3.79 -21.96 19.20
CA GLY A 155 -3.71 -23.34 19.65
C GLY A 155 -4.90 -24.17 19.18
N GLU A 156 -5.65 -24.74 20.13
CA GLU A 156 -6.79 -25.63 19.82
C GLU A 156 -7.80 -25.07 18.79
N PRO A 157 -8.30 -23.83 18.99
CA PRO A 157 -9.30 -23.23 18.08
C PRO A 157 -8.89 -23.20 16.62
N PHE A 158 -7.67 -22.76 16.37
CA PHE A 158 -7.15 -22.75 15.02
C PHE A 158 -7.04 -24.16 14.50
N HIS A 159 -6.49 -25.07 15.30
CA HIS A 159 -6.34 -26.43 14.82
C HIS A 159 -7.68 -27.09 14.58
N GLU A 160 -8.70 -26.63 15.30
CA GLU A 160 -10.07 -27.09 15.12
C GLU A 160 -10.63 -26.50 13.84
N TYR A 161 -10.40 -25.21 13.64
CA TYR A 161 -10.74 -24.53 12.38
C TYR A 161 -10.24 -25.31 11.16
N LEU A 162 -9.02 -25.82 11.26
CA LEU A 162 -8.43 -26.63 10.20
C LEU A 162 -9.20 -27.91 9.90
N ASP A 163 -9.78 -28.54 10.92
CA ASP A 163 -10.70 -29.68 10.74
C ASP A 163 -11.98 -29.33 10.01
N SER A 164 -12.32 -28.06 9.98
CA SER A 164 -13.68 -27.68 9.66
C SER A 164 -13.96 -27.45 8.19
N MET A 165 -15.26 -27.45 7.95
CA MET A 165 -15.90 -26.95 6.77
C MET A 165 -15.41 -25.56 6.36
N TYR A 166 -15.07 -24.73 7.34
CA TYR A 166 -14.77 -23.34 7.06
C TYR A 166 -13.39 -23.18 6.44
N PHE A 167 -12.43 -24.00 6.85
CA PHE A 167 -11.14 -24.02 6.19
C PHE A 167 -11.29 -24.71 4.86
N ASP A 168 -12.01 -25.83 4.82
CA ASP A 168 -12.32 -26.48 3.56
C ASP A 168 -12.68 -25.42 2.52
N ARG A 169 -13.61 -24.53 2.91
CA ARG A 169 -14.09 -23.46 2.03
C ARG A 169 -12.97 -22.46 1.69
N PHE A 170 -12.14 -22.14 2.65
CA PHE A 170 -10.98 -21.32 2.37
C PHE A 170 -10.15 -21.88 1.22
N LEU A 171 -9.94 -23.19 1.22
CA LEU A 171 -9.13 -23.83 0.19
C LEU A 171 -9.76 -23.66 -1.17
N GLN A 172 -11.08 -23.76 -1.23
CA GLN A 172 -11.80 -23.45 -2.48
C GLN A 172 -11.61 -22.02 -2.94
N TRP A 173 -11.67 -21.08 -2.01
CA TRP A 173 -11.38 -19.71 -2.36
C TRP A 173 -9.93 -19.61 -2.87
N LYS A 174 -9.00 -20.27 -2.18
CA LYS A 174 -7.61 -20.28 -2.63
C LYS A 174 -7.46 -20.85 -4.01
N TRP A 175 -8.17 -21.93 -4.30
CA TRP A 175 -8.17 -22.51 -5.63
C TRP A 175 -8.51 -21.46 -6.68
N LEU A 176 -9.61 -20.74 -6.44
CA LEU A 176 -10.04 -19.70 -7.35
C LEU A 176 -8.96 -18.63 -7.50
N GLU A 177 -8.39 -18.19 -6.38
CA GLU A 177 -7.37 -17.16 -6.36
C GLU A 177 -6.20 -17.47 -7.31
N ARG A 178 -5.96 -18.74 -7.57
CA ARG A 178 -4.81 -19.17 -8.34
C ARG A 178 -5.10 -19.49 -9.78
N GLN A 179 -6.34 -19.32 -10.22
CA GLN A 179 -6.68 -19.62 -11.59
C GLN A 179 -5.96 -18.68 -12.56
N PRO A 180 -5.65 -19.18 -13.76
CA PRO A 180 -4.98 -18.31 -14.73
C PRO A 180 -5.68 -16.97 -14.89
N VAL A 181 -4.86 -15.97 -15.09
CA VAL A 181 -5.27 -14.62 -15.35
C VAL A 181 -4.76 -14.29 -16.72
N THR A 182 -5.67 -13.82 -17.57
CA THR A 182 -5.37 -13.42 -18.93
C THR A 182 -6.11 -12.12 -19.22
N LYS A 183 -5.90 -11.58 -20.43
CA LYS A 183 -6.59 -10.36 -20.89
C LYS A 183 -8.12 -10.47 -20.83
N ASN A 184 -8.67 -11.67 -20.99
CA ASN A 184 -10.12 -11.90 -20.88
C ASN A 184 -10.68 -11.91 -19.46
N THR A 185 -9.82 -11.78 -18.47
CA THR A 185 -10.27 -11.50 -17.13
C THR A 185 -10.72 -10.04 -17.00
N PHE A 186 -10.27 -9.15 -17.90
CA PHE A 186 -10.54 -7.72 -17.74
C PHE A 186 -11.17 -7.14 -18.96
N ARG A 187 -11.70 -5.94 -18.78
CA ARG A 187 -12.07 -5.07 -19.89
C ARG A 187 -11.24 -3.80 -19.75
N GLN A 188 -10.82 -3.25 -20.87
CA GLN A 188 -9.93 -2.09 -20.90
C GLN A 188 -10.69 -0.88 -21.41
N TYR A 189 -10.52 0.28 -20.76
CA TYR A 189 -11.24 1.52 -21.13
C TYR A 189 -10.24 2.65 -21.36
N ARG A 190 -10.51 3.83 -20.81
CA ARG A 190 -9.80 5.03 -21.18
C ARG A 190 -8.33 5.00 -20.79
N VAL A 191 -7.52 5.65 -21.62
CA VAL A 191 -6.12 5.89 -21.28
C VAL A 191 -6.06 6.87 -20.13
N LEU A 192 -5.28 6.51 -19.11
CA LEU A 192 -5.06 7.33 -17.95
C LEU A 192 -3.66 7.96 -17.90
N GLY A 193 -2.72 7.46 -18.69
CA GLY A 193 -1.38 7.99 -18.61
C GLY A 193 -0.44 7.24 -19.54
N LYS A 194 0.68 7.89 -19.86
CA LYS A 194 1.58 7.37 -20.87
C LYS A 194 3.04 7.57 -20.50
N GLY A 195 3.91 6.75 -21.07
CA GLY A 195 5.32 6.78 -20.71
C GLY A 195 6.17 6.11 -21.73
N GLY A 196 7.47 6.13 -21.47
CA GLY A 196 8.42 5.61 -22.44
C GLY A 196 8.19 4.17 -22.81
N PHE A 197 7.73 3.36 -21.85
CA PHE A 197 7.62 1.91 -22.04
C PHE A 197 6.21 1.41 -22.26
N GLY A 198 5.21 2.26 -22.07
CA GLY A 198 3.85 1.90 -22.51
C GLY A 198 2.82 2.88 -22.00
N GLU A 199 1.62 2.36 -21.77
CA GLU A 199 0.48 3.14 -21.32
C GLU A 199 -0.32 2.42 -20.23
N VAL A 200 -1.01 3.22 -19.42
CA VAL A 200 -1.93 2.77 -18.40
C VAL A 200 -3.34 3.14 -18.81
N CYS A 201 -4.26 2.18 -18.70
CA CYS A 201 -5.67 2.36 -19.02
C CYS A 201 -6.48 1.98 -17.80
N ALA A 202 -7.66 2.56 -17.68
CA ALA A 202 -8.65 2.09 -16.71
C ALA A 202 -9.05 0.72 -17.19
N CYS A 203 -9.10 -0.23 -16.28
CA CYS A 203 -9.64 -1.52 -16.58
C CYS A 203 -10.54 -2.02 -15.45
N GLN A 204 -11.29 -3.06 -15.78
CA GLN A 204 -12.32 -3.59 -14.91
C GLN A 204 -12.25 -5.11 -14.97
N VAL A 205 -12.31 -5.72 -13.79
CA VAL A 205 -12.42 -7.16 -13.70
C VAL A 205 -13.83 -7.51 -14.09
N ARG A 206 -13.95 -8.36 -15.09
CA ARG A 206 -15.25 -8.80 -15.58
C ARG A 206 -16.15 -9.37 -14.51
N ALA A 207 -15.63 -10.36 -13.79
CA ALA A 207 -16.47 -11.14 -12.91
C ALA A 207 -16.93 -10.33 -11.71
N THR A 208 -16.13 -9.36 -11.27
CA THR A 208 -16.47 -8.66 -10.03
C THR A 208 -16.81 -7.19 -10.18
N GLY A 209 -16.48 -6.60 -11.31
CA GLY A 209 -16.77 -5.19 -11.52
C GLY A 209 -15.77 -4.22 -10.92
N LYS A 210 -14.72 -4.71 -10.28
CA LYS A 210 -13.85 -3.78 -9.60
C LYS A 210 -12.96 -3.03 -10.58
N MET A 211 -12.74 -1.74 -10.32
CA MET A 211 -11.92 -0.93 -11.20
C MET A 211 -10.46 -0.94 -10.79
N TYR A 212 -9.60 -1.00 -11.77
CA TYR A 212 -8.18 -0.85 -11.59
C TYR A 212 -7.59 -0.06 -12.78
N ALA A 213 -6.27 0.09 -12.73
CA ALA A 213 -5.49 0.67 -13.81
C ALA A 213 -4.59 -0.41 -14.30
N CYS A 214 -4.54 -0.59 -15.62
CA CYS A 214 -3.69 -1.60 -16.21
C CYS A 214 -2.51 -0.94 -16.92
N LYS A 215 -1.31 -1.22 -16.43
CA LYS A 215 -0.09 -0.76 -17.06
C LYS A 215 0.36 -1.82 -18.01
N ARG A 216 0.31 -1.47 -19.29
CA ARG A 216 0.59 -2.36 -20.38
C ARG A 216 1.94 -1.96 -20.96
N LEU A 217 2.88 -2.90 -20.94
CA LEU A 217 4.24 -2.69 -21.44
C LEU A 217 4.47 -3.54 -22.64
N GLU A 218 4.73 -2.94 -23.80
CA GLU A 218 4.89 -3.73 -25.02
C GLU A 218 6.16 -4.56 -24.87
N LYS A 219 6.06 -5.85 -25.13
CA LYS A 219 7.23 -6.74 -25.15
C LYS A 219 8.31 -6.17 -26.03
N LYS A 220 7.95 -5.71 -27.22
CA LYS A 220 8.89 -5.13 -28.20
C LYS A 220 9.70 -4.00 -27.63
N ARG A 221 9.05 -3.02 -27.01
CA ARG A 221 9.79 -1.96 -26.39
C ARG A 221 10.69 -2.43 -25.26
N ILE A 222 10.27 -3.42 -24.49
CA ILE A 222 11.10 -3.84 -23.36
C ILE A 222 12.42 -4.43 -23.84
N LYS A 223 12.35 -5.26 -24.87
CA LYS A 223 13.51 -5.93 -25.40
C LYS A 223 14.45 -4.94 -26.09
N LYS A 224 13.90 -4.10 -26.95
CA LYS A 224 14.70 -3.07 -27.64
C LYS A 224 15.42 -2.14 -26.70
N ARG A 225 14.76 -1.77 -25.61
CA ARG A 225 15.38 -0.89 -24.63
C ARG A 225 16.06 -1.61 -23.46
N LYS A 226 16.12 -2.94 -23.50
CA LYS A 226 16.59 -3.74 -22.36
C LYS A 226 16.01 -3.25 -21.05
N GLY A 227 14.68 -3.21 -21.00
CA GLY A 227 13.98 -2.78 -19.82
C GLY A 227 13.52 -3.90 -18.91
N GLU A 228 14.03 -5.11 -19.11
CA GLU A 228 13.57 -6.27 -18.33
C GLU A 228 13.68 -6.01 -16.82
N SER A 229 14.89 -5.72 -16.35
CA SER A 229 15.16 -5.45 -14.95
C SER A 229 14.19 -4.47 -14.39
N MET A 230 14.06 -3.34 -15.07
CA MET A 230 13.15 -2.32 -14.60
C MET A 230 11.73 -2.86 -14.42
N ALA A 231 11.26 -3.64 -15.41
CA ALA A 231 9.90 -4.16 -15.40
C ALA A 231 9.72 -5.14 -14.27
N LEU A 232 10.66 -6.08 -14.12
CA LEU A 232 10.58 -7.03 -13.04
C LEU A 232 10.74 -6.37 -11.70
N ASN A 233 11.66 -5.40 -11.59
CA ASN A 233 11.88 -4.76 -10.33
C ASN A 233 10.59 -4.16 -9.94
N GLU A 234 9.93 -3.51 -10.87
CA GLU A 234 8.70 -2.78 -10.53
C GLU A 234 7.63 -3.73 -10.07
N LYS A 235 7.45 -4.80 -10.81
CA LYS A 235 6.45 -5.75 -10.46
C LYS A 235 6.69 -6.32 -9.05
N GLN A 236 7.92 -6.70 -8.75
CA GLN A 236 8.21 -7.40 -7.51
C GLN A 236 8.18 -6.45 -6.36
N ILE A 237 8.55 -5.20 -6.59
CA ILE A 237 8.47 -4.23 -5.53
C ILE A 237 7.02 -3.85 -5.24
N LEU A 238 6.23 -3.61 -6.25
CA LEU A 238 4.81 -3.31 -5.97
C LEU A 238 4.14 -4.50 -5.32
N GLU A 239 4.60 -5.69 -5.68
CA GLU A 239 4.02 -6.89 -5.13
C GLU A 239 4.21 -6.90 -3.61
N LYS A 240 5.41 -6.58 -3.15
CA LYS A 240 5.70 -6.75 -1.75
C LYS A 240 5.47 -5.51 -0.92
N VAL A 241 5.56 -4.32 -1.50
CA VAL A 241 5.15 -3.15 -0.74
C VAL A 241 3.64 -3.12 -0.57
N ASN A 242 3.23 -2.73 0.63
CA ASN A 242 1.85 -2.50 0.95
C ASN A 242 1.74 -1.25 1.81
N SER A 243 1.46 -0.17 1.13
CA SER A 243 1.48 1.13 1.74
C SER A 243 0.32 1.87 1.20
N ARG A 244 -0.28 2.68 2.06
CA ARG A 244 -1.36 3.49 1.58
C ARG A 244 -0.88 4.69 0.73
N PHE A 245 0.44 4.85 0.56
CA PHE A 245 0.97 5.95 -0.22
C PHE A 245 1.74 5.48 -1.44
N VAL A 246 1.56 4.22 -1.79
CA VAL A 246 2.12 3.67 -2.98
C VAL A 246 1.09 2.81 -3.67
N VAL A 247 0.97 2.89 -5.00
CA VAL A 247 -0.05 2.12 -5.69
C VAL A 247 0.19 0.63 -5.40
N ASN A 248 -0.89 -0.14 -5.24
CA ASN A 248 -0.75 -1.54 -4.95
C ASN A 248 -0.93 -2.40 -6.19
N LEU A 249 -0.31 -3.57 -6.18
CA LEU A 249 -0.43 -4.52 -7.29
C LEU A 249 -1.48 -5.60 -6.95
N ALA A 250 -2.39 -5.83 -7.88
CA ALA A 250 -3.43 -6.85 -7.71
C ALA A 250 -3.23 -8.04 -8.62
N TYR A 251 -2.75 -7.80 -9.83
CA TYR A 251 -2.42 -8.87 -10.78
C TYR A 251 -1.20 -8.57 -11.67
N ALA A 252 -0.55 -9.63 -12.11
CA ALA A 252 0.49 -9.52 -13.13
C ALA A 252 0.28 -10.63 -14.12
N TYR A 253 0.24 -10.29 -15.42
CA TYR A 253 0.06 -11.30 -16.44
C TYR A 253 0.62 -10.90 -17.79
N GLU A 254 0.73 -11.88 -18.70
CA GLU A 254 1.22 -11.66 -20.04
C GLU A 254 0.10 -11.78 -21.07
N THR A 255 0.29 -11.07 -22.17
CA THR A 255 -0.48 -11.29 -23.39
C THR A 255 0.53 -11.65 -24.46
N LYS A 256 0.04 -11.87 -25.66
CA LYS A 256 0.88 -12.12 -26.81
C LYS A 256 1.93 -11.04 -26.87
N ASP A 257 1.51 -9.78 -26.83
CA ASP A 257 2.42 -8.65 -27.14
C ASP A 257 2.86 -7.82 -25.93
N ALA A 258 2.37 -8.15 -24.75
CA ALA A 258 2.59 -7.27 -23.64
C ALA A 258 2.70 -7.98 -22.32
N LEU A 259 3.17 -7.21 -21.33
CA LEU A 259 3.18 -7.57 -19.94
C LEU A 259 2.39 -6.54 -19.18
N CYS A 260 1.42 -6.97 -18.37
CA CYS A 260 0.51 -6.04 -17.72
C CYS A 260 0.62 -6.07 -16.21
N LEU A 261 0.51 -4.91 -15.58
CA LEU A 261 0.39 -4.81 -14.15
C LEU A 261 -0.94 -4.15 -13.90
N VAL A 262 -1.73 -4.76 -13.02
CA VAL A 262 -3.00 -4.20 -12.64
C VAL A 262 -2.85 -3.58 -11.26
N LEU A 263 -3.12 -2.29 -11.18
CA LEU A 263 -2.74 -1.48 -10.04
C LEU A 263 -3.91 -0.68 -9.51
N THR A 264 -3.76 -0.19 -8.30
CA THR A 264 -4.69 0.76 -7.76
C THR A 264 -5.02 1.84 -8.79
N ILE A 265 -6.30 2.08 -9.01
CA ILE A 265 -6.72 3.15 -9.89
C ILE A 265 -6.70 4.51 -9.20
N MET A 266 -6.09 5.48 -9.87
CA MET A 266 -5.88 6.82 -9.33
C MET A 266 -6.50 7.77 -10.34
N ASN A 267 -7.70 8.27 -10.06
CA ASN A 267 -8.49 9.05 -11.03
C ASN A 267 -8.34 10.54 -10.95
N GLY A 268 -7.53 11.04 -10.03
CA GLY A 268 -7.51 12.46 -9.74
C GLY A 268 -6.44 13.28 -10.42
N GLY A 269 -5.67 12.71 -11.35
CA GLY A 269 -4.59 13.45 -12.02
C GLY A 269 -3.27 13.34 -11.27
N ASP A 270 -2.20 13.64 -11.95
CA ASP A 270 -0.89 13.71 -11.37
C ASP A 270 -0.53 15.13 -10.83
N LEU A 271 0.52 15.20 -10.04
CA LEU A 271 0.88 16.44 -9.38
C LEU A 271 1.39 17.47 -10.35
N LYS A 272 2.06 17.04 -11.40
CA LYS A 272 2.50 17.98 -12.40
C LYS A 272 1.30 18.78 -12.93
N PHE A 273 0.25 18.09 -13.30
CA PHE A 273 -0.94 18.75 -13.77
C PHE A 273 -1.44 19.72 -12.71
N HIS A 274 -1.59 19.26 -11.47
CA HIS A 274 -2.19 20.11 -10.44
C HIS A 274 -1.33 21.34 -10.10
N ILE A 275 -0.01 21.17 -10.09
CA ILE A 275 0.88 22.30 -9.88
C ILE A 275 0.71 23.39 -10.92
N TYR A 276 0.55 23.01 -12.20
CA TYR A 276 0.67 23.95 -13.34
C TYR A 276 -0.64 24.30 -13.96
N ASN A 277 -1.71 24.14 -13.19
CA ASN A 277 -3.04 24.22 -13.73
C ASN A 277 -3.74 25.42 -13.11
N MET A 278 -3.12 26.57 -13.26
CA MET A 278 -3.58 27.76 -12.57
C MET A 278 -2.75 28.96 -12.98
N GLY A 279 -3.34 30.14 -12.83
CA GLY A 279 -2.56 31.35 -12.64
C GLY A 279 -2.02 31.15 -11.24
N ASN A 280 -0.76 31.48 -10.99
CA ASN A 280 -0.09 30.95 -9.82
C ASN A 280 0.08 29.45 -10.06
N PRO A 281 1.06 29.08 -10.89
CA PRO A 281 1.60 27.74 -10.69
C PRO A 281 2.18 27.73 -9.30
N GLY A 282 1.94 26.66 -8.55
CA GLY A 282 2.38 26.60 -7.16
C GLY A 282 1.19 26.57 -6.25
N PHE A 283 1.31 25.88 -5.14
CA PHE A 283 0.22 25.66 -4.23
C PHE A 283 0.35 26.55 -3.01
N GLU A 284 -0.76 26.75 -2.33
CA GLU A 284 -0.74 27.23 -0.94
C GLU A 284 0.09 26.27 -0.09
N GLU A 285 0.76 26.84 0.90
CA GLU A 285 1.67 26.06 1.70
C GLU A 285 0.93 24.90 2.35
N GLU A 286 -0.21 25.19 2.96
CA GLU A 286 -1.10 24.20 3.54
C GLU A 286 -1.13 22.93 2.70
N ARG A 287 -1.43 23.10 1.43
CA ARG A 287 -1.63 21.99 0.50
C ARG A 287 -0.31 21.26 0.17
N ALA A 288 0.73 22.04 -0.06
CA ALA A 288 2.04 21.50 -0.34
C ALA A 288 2.57 20.69 0.84
N LEU A 289 2.36 21.24 2.03
CA LEU A 289 2.70 20.57 3.26
C LEU A 289 2.09 19.21 3.24
N PHE A 290 0.81 19.19 2.94
CA PHE A 290 0.05 17.97 3.02
C PHE A 290 0.56 16.91 2.07
N TYR A 291 0.81 17.28 0.83
CA TYR A 291 1.31 16.33 -0.14
C TYR A 291 2.68 15.86 0.27
N ALA A 292 3.52 16.79 0.67
CA ALA A 292 4.86 16.45 1.09
C ALA A 292 4.79 15.37 2.18
N ALA A 293 3.95 15.58 3.18
CA ALA A 293 3.87 14.64 4.26
C ALA A 293 3.53 13.25 3.76
N GLU A 294 2.52 13.16 2.89
CA GLU A 294 2.13 11.85 2.37
C GLU A 294 3.25 11.20 1.54
N ILE A 295 3.93 12.00 0.74
CA ILE A 295 5.04 11.49 -0.04
C ILE A 295 6.18 11.03 0.87
N LEU A 296 6.43 11.77 1.95
CA LEU A 296 7.40 11.41 2.97
C LEU A 296 7.11 10.04 3.58
N CYS A 297 5.84 9.83 3.94
CA CYS A 297 5.41 8.56 4.42
C CYS A 297 5.58 7.46 3.37
N GLY A 298 5.28 7.79 2.13
CA GLY A 298 5.43 6.83 1.08
C GLY A 298 6.90 6.44 1.02
N LEU A 299 7.78 7.44 0.96
CA LEU A 299 9.22 7.18 0.97
C LEU A 299 9.61 6.35 2.16
N GLU A 300 9.10 6.67 3.33
CA GLU A 300 9.41 5.86 4.51
C GLU A 300 9.02 4.38 4.29
N ASP A 301 7.84 4.14 3.74
CA ASP A 301 7.43 2.76 3.57
C ASP A 301 8.37 2.02 2.63
N LEU A 302 8.84 2.69 1.61
CA LEU A 302 9.77 2.05 0.68
C LEU A 302 11.13 1.79 1.32
N HIS A 303 11.61 2.76 2.11
CA HIS A 303 12.89 2.64 2.76
C HIS A 303 12.89 1.52 3.78
N HIS A 304 11.82 1.39 4.53
CA HIS A 304 11.63 0.30 5.48
CA HIS A 304 11.75 0.31 5.49
C HIS A 304 11.98 -1.05 4.83
N GLU A 305 11.69 -1.19 3.53
CA GLU A 305 12.05 -2.40 2.76
C GLU A 305 13.41 -2.31 2.03
N ASN A 306 14.18 -1.28 2.29
CA ASN A 306 15.43 -1.03 1.57
C ASN A 306 15.35 -0.75 0.11
N ILE A 307 14.21 -0.20 -0.31
CA ILE A 307 14.07 0.23 -1.68
C ILE A 307 14.49 1.68 -1.78
N VAL A 308 15.35 1.98 -2.74
CA VAL A 308 15.58 3.36 -3.13
C VAL A 308 14.70 3.61 -4.36
N TYR A 309 13.92 4.70 -4.34
CA TYR A 309 12.97 5.01 -5.42
C TYR A 309 13.68 5.54 -6.64
N ARG A 310 14.43 6.63 -6.44
CA ARG A 310 15.26 7.26 -7.46
C ARG A 310 14.60 8.13 -8.55
N ASP A 311 13.27 8.21 -8.55
CA ASP A 311 12.58 8.90 -9.63
C ASP A 311 11.43 9.70 -9.08
N LEU A 312 11.61 10.29 -7.92
CA LEU A 312 10.63 11.22 -7.41
C LEU A 312 10.58 12.42 -8.37
N LYS A 313 9.38 12.76 -8.82
CA LYS A 313 9.11 13.94 -9.67
C LYS A 313 7.61 14.05 -9.69
N PRO A 314 7.06 15.23 -10.01
CA PRO A 314 5.61 15.40 -9.90
C PRO A 314 4.80 14.49 -10.79
N GLU A 315 5.30 14.10 -11.94
CA GLU A 315 4.49 13.23 -12.77
C GLU A 315 4.40 11.82 -12.22
N ASN A 316 5.17 11.47 -11.19
CA ASN A 316 5.07 10.15 -10.66
C ASN A 316 4.19 10.04 -9.45
N ILE A 317 3.60 11.17 -9.04
CA ILE A 317 2.68 11.24 -7.91
C ILE A 317 1.28 11.48 -8.43
N LEU A 318 0.31 10.66 -7.99
CA LEU A 318 -1.06 10.84 -8.46
C LEU A 318 -2.02 11.00 -7.33
N LEU A 319 -3.16 11.60 -7.63
CA LEU A 319 -4.23 11.73 -6.67
C LEU A 319 -5.25 10.64 -6.87
N ASP A 320 -5.91 10.22 -5.81
CA ASP A 320 -7.07 9.36 -5.96
C ASP A 320 -8.32 10.26 -5.90
N ASP A 321 -9.50 9.67 -5.93
CA ASP A 321 -10.77 10.42 -5.96
C ASP A 321 -10.99 11.33 -4.75
N TYR A 322 -10.33 11.03 -3.65
CA TYR A 322 -10.50 11.75 -2.39
C TYR A 322 -9.41 12.79 -2.17
N GLY A 323 -8.48 12.87 -3.10
CA GLY A 323 -7.39 13.80 -2.99
C GLY A 323 -6.15 13.27 -2.26
N HIS A 324 -6.12 12.01 -1.86
CA HIS A 324 -4.88 11.43 -1.31
C HIS A 324 -3.96 11.05 -2.43
N ILE A 325 -2.66 11.03 -2.18
CA ILE A 325 -1.68 10.76 -3.21
C ILE A 325 -1.04 9.43 -2.99
N ARG A 326 -0.45 8.89 -4.06
CA ARG A 326 0.38 7.70 -4.01
C ARG A 326 1.51 7.84 -4.99
N ILE A 327 2.66 7.33 -4.60
CA ILE A 327 3.72 7.13 -5.54
C ILE A 327 3.26 6.05 -6.52
N SER A 328 3.36 6.35 -7.82
CA SER A 328 2.66 5.57 -8.85
C SER A 328 3.51 4.94 -9.95
N ASP A 329 4.81 5.19 -9.98
CA ASP A 329 5.65 4.49 -10.93
C ASP A 329 6.94 4.08 -10.24
N LEU A 330 7.35 2.83 -10.41
CA LEU A 330 8.51 2.35 -9.71
C LEU A 330 9.43 1.63 -10.63
N GLY A 331 9.38 2.00 -11.90
CA GLY A 331 10.29 1.43 -12.86
C GLY A 331 11.77 1.61 -12.54
N LEU A 332 12.14 2.71 -11.91
CA LEU A 332 13.54 2.95 -11.59
C LEU A 332 13.90 2.53 -10.15
N ALA A 333 12.93 2.13 -9.36
CA ALA A 333 13.22 1.69 -8.00
C ALA A 333 14.00 0.39 -7.97
N VAL A 334 14.80 0.21 -6.92
CA VAL A 334 15.55 -1.01 -6.79
C VAL A 334 15.79 -1.36 -5.31
N LYS A 335 15.89 -2.65 -5.02
CA LYS A 335 16.20 -3.13 -3.69
C LYS A 335 17.69 -3.05 -3.51
N ILE A 336 18.10 -2.47 -2.40
CA ILE A 336 19.51 -2.46 -2.05
C ILE A 336 19.74 -3.49 -0.97
N PRO A 337 20.58 -4.49 -1.24
CA PRO A 337 20.84 -5.38 -0.09
C PRO A 337 21.32 -4.57 1.13
N GLU A 338 20.85 -4.98 2.30
CA GLU A 338 21.32 -4.47 3.60
C GLU A 338 22.81 -4.25 3.62
N GLY A 339 23.23 -3.06 4.02
CA GLY A 339 24.64 -2.73 4.18
C GLY A 339 25.41 -2.56 2.89
N ASP A 340 24.71 -2.20 1.82
CA ASP A 340 25.37 -1.99 0.56
C ASP A 340 24.89 -0.73 -0.07
N LEU A 341 25.66 -0.28 -1.04
CA LEU A 341 25.32 0.90 -1.82
C LEU A 341 25.20 0.45 -3.25
N ILE A 342 24.47 1.22 -4.06
CA ILE A 342 24.46 0.93 -5.48
C ILE A 342 25.04 2.06 -6.32
N ARG A 343 25.38 1.69 -7.55
CA ARG A 343 25.86 2.58 -8.58
C ARG A 343 24.74 2.65 -9.60
N GLY A 344 24.51 3.81 -10.20
CA GLY A 344 23.57 3.90 -11.30
C GLY A 344 23.05 5.29 -11.56
N ARG A 345 23.45 5.85 -12.69
CA ARG A 345 23.11 7.20 -13.08
C ARG A 345 21.78 7.21 -13.81
N VAL A 346 20.71 7.02 -13.06
CA VAL A 346 19.37 6.98 -13.62
C VAL A 346 18.51 8.02 -12.96
N GLY A 347 17.42 8.38 -13.62
CA GLY A 347 16.47 9.31 -13.06
C GLY A 347 16.00 10.27 -14.13
N THR A 348 15.45 11.39 -13.70
CA THR A 348 14.97 12.38 -14.66
C THR A 348 15.71 13.68 -14.54
N VAL A 349 16.04 14.29 -15.68
CA VAL A 349 16.80 15.52 -15.64
C VAL A 349 16.07 16.49 -14.72
N GLY A 350 16.83 17.20 -13.91
CA GLY A 350 16.30 18.15 -12.95
C GLY A 350 15.88 17.54 -11.63
N TYR A 351 15.77 16.22 -11.58
CA TYR A 351 15.41 15.55 -10.32
C TYR A 351 16.46 14.55 -9.82
N MET A 352 17.66 14.58 -10.40
CA MET A 352 18.75 13.69 -10.01
C MET A 352 19.71 14.38 -9.04
N ALA A 353 19.99 13.68 -7.96
CA ALA A 353 20.83 14.17 -6.93
C ALA A 353 22.28 14.20 -7.38
N PRO A 354 23.06 15.08 -6.80
CA PRO A 354 24.48 15.22 -7.15
C PRO A 354 25.28 13.93 -7.12
N GLU A 355 25.07 13.11 -6.09
CA GLU A 355 25.79 11.84 -6.02
C GLU A 355 25.42 10.87 -7.21
N VAL A 356 24.21 11.02 -7.73
CA VAL A 356 23.76 10.29 -8.93
C VAL A 356 24.41 10.88 -10.17
N LEU A 357 24.31 12.19 -10.33
CA LEU A 357 24.92 12.87 -11.46
C LEU A 357 26.42 12.60 -11.52
N ASN A 358 27.07 12.53 -10.35
CA ASN A 358 28.50 12.24 -10.31
C ASN A 358 28.80 10.73 -10.39
N ASN A 359 27.77 9.90 -10.56
CA ASN A 359 27.96 8.45 -10.65
C ASN A 359 28.70 7.87 -9.44
N GLN A 360 28.47 8.43 -8.25
CA GLN A 360 28.99 7.86 -7.01
C GLN A 360 28.14 6.66 -6.60
N ARG A 361 28.67 5.84 -5.70
CA ARG A 361 27.86 4.82 -5.03
C ARG A 361 26.98 5.53 -4.02
N TYR A 362 25.71 5.13 -3.90
CA TYR A 362 24.73 5.76 -3.01
C TYR A 362 23.74 4.71 -2.43
N GLY A 363 23.03 5.13 -1.39
CA GLY A 363 21.94 4.35 -0.83
C GLY A 363 20.59 5.08 -0.95
N LEU A 364 20.01 5.47 0.17
CA LEU A 364 18.65 6.00 0.16
C LEU A 364 18.61 7.47 -0.14
N SER A 365 19.78 8.13 -0.07
CA SER A 365 19.86 9.58 -0.06
C SER A 365 19.18 10.33 -1.21
N PRO A 366 19.23 9.80 -2.44
CA PRO A 366 18.63 10.55 -3.59
C PRO A 366 17.17 10.86 -3.42
N ASP A 367 16.42 10.03 -2.69
CA ASP A 367 15.01 10.23 -2.48
C ASP A 367 14.75 11.47 -1.62
N TYR A 368 15.62 11.78 -0.68
CA TYR A 368 15.42 13.00 0.08
C TYR A 368 15.76 14.20 -0.77
N TRP A 369 16.66 14.03 -1.72
CA TRP A 369 16.93 15.11 -2.65
C TRP A 369 15.68 15.39 -3.49
N GLY A 370 15.11 14.32 -4.00
CA GLY A 370 13.89 14.42 -4.78
C GLY A 370 12.76 15.01 -3.97
N LEU A 371 12.64 14.64 -2.71
CA LEU A 371 11.58 15.24 -1.91
C LEU A 371 11.79 16.74 -1.78
N GLY A 372 13.04 17.18 -1.60
CA GLY A 372 13.36 18.61 -1.63
C GLY A 372 12.92 19.28 -2.93
N CYS A 373 13.22 18.63 -4.06
CA CYS A 373 12.84 19.14 -5.34
C CYS A 373 11.30 19.26 -5.42
N LEU A 374 10.57 18.26 -4.94
CA LEU A 374 9.12 18.30 -5.01
C LEU A 374 8.49 19.38 -4.15
N ILE A 375 9.03 19.61 -2.98
CA ILE A 375 8.46 20.62 -2.12
C ILE A 375 8.72 21.99 -2.75
N TYR A 376 9.98 22.25 -3.11
CA TYR A 376 10.31 23.50 -3.79
C TYR A 376 9.35 23.75 -4.96
N GLU A 377 9.27 22.80 -5.89
CA GLU A 377 8.42 22.98 -7.06
C GLU A 377 6.92 23.16 -6.73
N MET A 378 6.43 22.48 -5.71
CA MET A 378 5.03 22.63 -5.31
C MET A 378 4.79 24.05 -4.79
N ILE A 379 5.80 24.62 -4.16
CA ILE A 379 5.60 25.96 -3.65
C ILE A 379 5.88 27.00 -4.73
N GLU A 380 6.99 26.84 -5.45
CA GLU A 380 7.45 27.85 -6.36
C GLU A 380 6.77 27.78 -7.71
N GLY A 381 6.38 26.57 -8.13
CA GLY A 381 5.83 26.35 -9.46
C GLY A 381 6.88 26.07 -10.53
N GLN A 382 8.07 25.63 -10.14
CA GLN A 382 9.21 25.44 -11.05
C GLN A 382 10.20 24.53 -10.36
N SER A 383 10.91 23.71 -11.12
CA SER A 383 12.02 22.93 -10.58
C SER A 383 12.98 23.94 -9.95
N PRO A 384 13.73 23.54 -8.94
CA PRO A 384 14.70 24.50 -8.40
C PRO A 384 15.87 24.89 -9.32
N PHE A 385 16.16 24.07 -10.33
CA PHE A 385 17.28 24.38 -11.22
C PHE A 385 16.88 24.73 -12.64
N ARG A 386 15.60 25.03 -12.82
CA ARG A 386 15.03 25.10 -14.13
C ARG A 386 13.76 25.94 -14.11
N GLY A 387 13.76 27.04 -14.84
CA GLY A 387 12.52 27.77 -15.09
C GLY A 387 11.48 26.85 -15.69
N ARG A 388 10.22 27.08 -15.33
CA ARG A 388 9.10 26.44 -16.01
C ARG A 388 9.12 26.90 -17.46
N LYS A 389 8.99 25.94 -18.39
CA LYS A 389 9.14 26.19 -19.83
C LYS A 389 10.35 27.08 -20.11
N GLU A 390 11.51 26.64 -19.63
CA GLU A 390 12.77 27.28 -19.95
C GLU A 390 13.50 26.33 -20.90
N LYS A 391 14.02 26.91 -21.97
CA LYS A 391 14.77 26.18 -22.97
C LYS A 391 16.18 26.12 -22.43
N VAL A 392 16.50 25.00 -21.82
CA VAL A 392 17.80 24.86 -21.20
C VAL A 392 18.24 23.45 -21.41
N LYS A 393 19.50 23.24 -21.70
CA LYS A 393 19.92 21.89 -22.05
C LYS A 393 20.30 21.06 -20.83
N ARG A 394 20.16 19.74 -20.99
CA ARG A 394 20.53 18.76 -19.97
C ARG A 394 21.87 19.09 -19.31
N GLU A 395 22.88 19.37 -20.12
CA GLU A 395 24.23 19.57 -19.62
C GLU A 395 24.29 20.69 -18.57
N GLU A 396 23.52 21.74 -18.81
CA GLU A 396 23.52 22.96 -18.00
C GLU A 396 22.69 22.85 -16.73
N VAL A 397 21.57 22.15 -16.82
CA VAL A 397 20.78 21.83 -15.63
C VAL A 397 21.67 21.01 -14.68
N ASP A 398 22.29 19.96 -15.23
CA ASP A 398 23.18 19.11 -14.45
C ASP A 398 24.24 19.98 -13.80
N ARG A 399 24.78 20.92 -14.54
CA ARG A 399 25.77 21.83 -14.00
C ARG A 399 25.20 22.66 -12.84
N ARG A 400 23.96 23.14 -12.95
CA ARG A 400 23.38 23.97 -11.88
C ARG A 400 23.17 23.18 -10.60
N VAL A 401 22.65 21.96 -10.77
CA VAL A 401 22.50 21.01 -9.68
C VAL A 401 23.81 20.88 -8.89
N LEU A 402 24.91 20.63 -9.58
CA LEU A 402 26.22 20.50 -8.89
C LEU A 402 26.87 21.82 -8.41
N GLU A 403 26.70 22.92 -9.13
CA GLU A 403 27.51 24.12 -8.85
C GLU A 403 26.77 25.32 -8.25
N THR A 404 25.44 25.36 -8.26
CA THR A 404 24.75 26.56 -7.80
C THR A 404 23.84 26.24 -6.69
N GLU A 405 23.53 27.23 -5.87
CA GLU A 405 22.52 27.10 -4.87
C GLU A 405 21.21 27.61 -5.44
N GLU A 406 20.12 27.01 -5.00
CA GLU A 406 18.80 27.40 -5.46
C GLU A 406 18.35 28.64 -4.70
N VAL A 407 17.48 29.39 -5.37
CA VAL A 407 16.94 30.64 -4.86
C VAL A 407 15.49 30.47 -4.38
N TYR A 408 15.11 31.26 -3.38
CA TYR A 408 13.80 31.20 -2.75
C TYR A 408 13.08 32.50 -2.86
N SER A 409 11.82 32.48 -3.26
CA SER A 409 11.11 33.75 -3.49
C SER A 409 10.28 34.11 -2.26
N HIS A 410 9.60 35.23 -2.36
CA HIS A 410 8.63 35.62 -1.35
C HIS A 410 7.67 34.45 -1.04
N LYS A 411 7.46 33.56 -1.99
CA LYS A 411 6.47 32.45 -1.85
C LYS A 411 6.74 31.41 -0.75
N PHE A 412 7.97 31.38 -0.22
CA PHE A 412 8.36 30.45 0.84
C PHE A 412 8.32 31.07 2.25
N SER A 413 7.59 30.44 3.18
CA SER A 413 7.80 30.69 4.60
C SER A 413 9.22 30.26 4.99
N GLU A 414 9.73 30.80 6.08
CA GLU A 414 11.04 30.42 6.54
C GLU A 414 11.19 28.90 6.71
N GLU A 415 10.15 28.25 7.18
CA GLU A 415 10.24 26.82 7.43
C GLU A 415 10.21 26.01 6.13
N ALA A 416 9.57 26.56 5.11
CA ALA A 416 9.58 25.91 3.80
C ALA A 416 10.97 26.04 3.23
N LYS A 417 11.56 27.21 3.44
CA LYS A 417 12.88 27.50 2.93
C LYS A 417 13.88 26.58 3.61
N SER A 418 13.85 26.60 4.93
CA SER A 418 14.68 25.73 5.76
C SER A 418 14.63 24.28 5.29
N ILE A 419 13.45 23.66 5.25
CA ILE A 419 13.41 22.24 4.88
C ILE A 419 13.91 21.96 3.47
N CYS A 420 13.63 22.87 2.55
CA CYS A 420 14.09 22.65 1.19
C CYS A 420 15.62 22.68 1.17
N LYS A 421 16.24 23.62 1.87
CA LYS A 421 17.69 23.68 1.87
C LYS A 421 18.30 22.47 2.52
N MET A 422 17.66 21.97 3.56
CA MET A 422 18.21 20.85 4.28
C MET A 422 18.14 19.57 3.48
N LEU A 423 17.01 19.39 2.79
CA LEU A 423 16.85 18.26 1.85
C LEU A 423 17.72 18.38 0.60
N LEU A 424 17.97 19.62 0.14
CA LEU A 424 18.84 19.89 -1.03
C LEU A 424 20.31 20.17 -0.69
N THR A 425 20.76 19.69 0.47
CA THR A 425 22.18 19.69 0.76
C THR A 425 22.80 18.80 -0.31
N LYS A 426 23.83 19.32 -0.94
CA LYS A 426 24.52 18.62 -2.00
C LYS A 426 25.25 17.37 -1.50
N ASP A 427 25.91 17.46 -0.36
CA ASP A 427 26.58 16.30 0.23
C ASP A 427 25.55 15.28 0.81
N ALA A 428 25.53 14.08 0.25
CA ALA A 428 24.57 13.04 0.66
C ALA A 428 24.67 12.65 2.15
N LYS A 429 25.88 12.39 2.62
CA LYS A 429 26.09 12.06 4.00
C LYS A 429 25.51 13.10 4.98
N GLN A 430 25.46 14.39 4.61
CA GLN A 430 25.05 15.43 5.57
C GLN A 430 23.61 15.92 5.40
N ARG A 431 22.82 15.23 4.58
CA ARG A 431 21.49 15.71 4.18
C ARG A 431 20.38 15.21 5.10
N LEU A 432 19.38 16.05 5.33
CA LEU A 432 18.26 15.72 6.17
C LEU A 432 17.59 14.47 5.68
N GLY A 433 17.24 13.58 6.60
CA GLY A 433 16.62 12.32 6.25
C GLY A 433 17.64 11.19 6.16
N CYS A 434 18.94 11.50 6.15
CA CYS A 434 19.95 10.48 5.86
C CYS A 434 20.78 10.17 7.10
N GLN A 435 20.19 10.37 8.28
CA GLN A 435 20.82 10.10 9.53
C GLN A 435 20.10 8.95 10.22
N GLU A 436 20.55 8.60 11.42
CA GLU A 436 19.91 7.54 12.21
C GLU A 436 18.36 7.58 12.30
N GLU A 437 17.77 8.77 12.53
CA GLU A 437 16.28 8.83 12.61
C GLU A 437 15.61 8.58 11.25
N GLY A 438 16.36 8.66 10.17
CA GLY A 438 15.77 8.59 8.85
C GLY A 438 14.67 9.63 8.72
N ALA A 439 13.56 9.18 8.16
CA ALA A 439 12.39 9.99 7.87
C ALA A 439 11.82 10.75 9.07
N ALA A 440 11.88 10.16 10.24
CA ALA A 440 11.38 10.81 11.46
C ALA A 440 12.04 12.16 11.71
N GLU A 441 13.24 12.36 11.22
CA GLU A 441 13.90 13.65 11.42
C GLU A 441 13.21 14.69 10.56
N VAL A 442 12.76 14.25 9.39
CA VAL A 442 12.11 15.13 8.45
C VAL A 442 10.73 15.48 9.01
N LYS A 443 10.04 14.49 9.60
CA LYS A 443 8.74 14.74 10.20
C LYS A 443 8.79 15.71 11.35
N ARG A 444 9.95 15.82 12.01
CA ARG A 444 10.11 16.74 13.14
C ARG A 444 10.48 18.15 12.75
N HIS A 445 10.71 18.40 11.47
CA HIS A 445 11.05 19.74 11.04
C HIS A 445 9.83 20.64 11.28
N PRO A 446 10.07 21.88 11.70
CA PRO A 446 8.99 22.86 11.92
C PRO A 446 7.98 23.03 10.76
N PHE A 447 8.45 22.98 9.52
CA PHE A 447 7.55 22.92 8.35
C PHE A 447 6.35 22.01 8.56
N PHE A 448 6.56 20.89 9.23
CA PHE A 448 5.48 19.94 9.54
C PHE A 448 5.03 20.00 10.99
N ARG A 449 5.33 21.09 11.68
CA ARG A 449 5.03 21.22 13.11
C ARG A 449 3.54 21.09 13.38
N ASN A 450 2.71 21.42 12.41
CA ASN A 450 1.28 21.31 12.59
C ASN A 450 0.68 19.98 12.17
N MET A 451 1.44 19.14 11.47
CA MET A 451 0.90 17.92 10.89
C MET A 451 0.91 16.77 11.88
N ASN A 452 -0.26 16.17 12.15
CA ASN A 452 -0.35 14.92 12.93
C ASN A 452 -0.10 13.64 12.11
N PHE A 453 1.11 13.12 12.17
CA PHE A 453 1.52 12.03 11.29
C PHE A 453 0.84 10.71 11.61
N LYS A 454 0.54 10.45 12.86
CA LYS A 454 -0.10 9.17 13.21
C LYS A 454 -1.43 9.02 12.54
N ARG A 455 -2.21 10.10 12.54
CA ARG A 455 -3.52 10.15 11.85
C ARG A 455 -3.38 10.16 10.34
N LEU A 456 -2.41 10.89 9.84
CA LEU A 456 -2.15 10.87 8.40
C LEU A 456 -1.82 9.46 7.95
N GLU A 457 -0.97 8.78 8.70
CA GLU A 457 -0.58 7.39 8.39
C GLU A 457 -1.76 6.44 8.56
N ALA A 458 -2.72 6.78 9.40
CA ALA A 458 -3.95 5.95 9.49
C ALA A 458 -5.06 6.37 8.54
N GLY A 459 -4.80 7.28 7.60
CA GLY A 459 -5.82 7.72 6.64
C GLY A 459 -7.00 8.50 7.25
N MET A 460 -6.78 9.15 8.38
CA MET A 460 -7.85 9.85 9.08
C MET A 460 -7.79 11.37 8.98
N LEU A 461 -6.84 11.89 8.23
CA LEU A 461 -6.83 13.29 7.88
C LEU A 461 -7.38 13.50 6.49
N ASP A 462 -8.37 14.36 6.41
CA ASP A 462 -8.93 14.76 5.15
C ASP A 462 -7.97 15.72 4.45
N PRO A 463 -7.76 15.52 3.13
CA PRO A 463 -6.88 16.41 2.37
C PRO A 463 -7.51 17.77 2.17
N PRO A 464 -6.68 18.79 1.94
CA PRO A 464 -7.22 20.13 1.75
C PRO A 464 -7.73 20.42 0.32
N PHE A 465 -7.71 19.43 -0.58
CA PHE A 465 -8.26 19.62 -1.92
C PHE A 465 -8.76 18.33 -2.51
N VAL A 466 -9.99 18.35 -3.00
CA VAL A 466 -10.61 17.19 -3.64
C VAL A 466 -10.71 17.43 -5.17
N PRO A 467 -10.21 16.48 -5.99
CA PRO A 467 -10.17 16.73 -7.42
C PRO A 467 -11.53 16.74 -8.06
N ASP A 468 -11.64 17.47 -9.16
CA ASP A 468 -12.90 17.54 -9.84
C ASP A 468 -12.99 16.28 -10.69
N PRO A 469 -14.03 15.45 -10.47
CA PRO A 469 -14.16 14.26 -11.32
C PRO A 469 -14.60 14.61 -12.74
N ARG A 470 -14.71 15.91 -13.04
CA ARG A 470 -15.16 16.36 -14.34
C ARG A 470 -14.01 16.50 -15.35
N ALA A 471 -12.77 16.26 -14.91
CA ALA A 471 -11.58 16.39 -15.77
C ALA A 471 -11.04 15.07 -16.39
N VAL A 472 -10.47 15.17 -17.59
CA VAL A 472 -9.85 14.04 -18.33
C VAL A 472 -8.48 14.50 -18.91
N TYR A 473 -7.40 14.10 -18.22
CA TYR A 473 -6.07 14.74 -18.28
C TYR A 473 -5.20 14.30 -19.47
N HIS A 493 14.00 -16.83 -26.19
CA HIS A 493 14.91 -17.62 -25.37
C HIS A 493 14.87 -17.17 -23.90
N THR A 494 15.77 -16.25 -23.54
CA THR A 494 15.86 -15.70 -22.18
C THR A 494 14.67 -14.78 -21.86
N ASP A 495 13.93 -14.40 -22.91
CA ASP A 495 12.65 -13.70 -22.78
C ASP A 495 11.65 -14.54 -22.01
N ASP A 496 11.46 -15.77 -22.48
CA ASP A 496 10.42 -16.66 -21.96
C ASP A 496 10.54 -16.87 -20.44
N ASP A 497 11.79 -16.96 -19.97
CA ASP A 497 12.10 -17.05 -18.54
C ASP A 497 11.66 -15.81 -17.78
N PHE A 498 12.08 -14.64 -18.25
CA PHE A 498 11.63 -13.37 -17.73
C PHE A 498 10.09 -13.26 -17.73
N TYR A 499 9.44 -13.72 -18.78
CA TYR A 499 7.97 -13.65 -18.87
C TYR A 499 7.25 -14.50 -17.83
N SER A 500 7.75 -15.69 -17.51
CA SER A 500 7.11 -16.53 -16.49
C SER A 500 7.32 -15.96 -15.08
N LYS A 501 8.50 -15.39 -14.82
CA LYS A 501 8.74 -14.72 -13.53
C LYS A 501 7.89 -13.47 -13.37
N PHE A 502 7.59 -12.80 -14.48
CA PHE A 502 6.72 -11.63 -14.43
C PHE A 502 5.27 -12.02 -14.16
N SER A 503 4.76 -12.98 -14.90
CA SER A 503 3.32 -13.22 -14.91
C SER A 503 2.90 -14.26 -13.86
N THR A 504 2.81 -13.80 -12.63
CA THR A 504 2.46 -14.65 -11.49
C THR A 504 0.95 -14.71 -11.18
N GLY A 505 0.14 -13.88 -11.82
CA GLY A 505 -1.28 -13.97 -11.62
C GLY A 505 -1.74 -13.06 -10.52
N SER A 506 -2.75 -13.50 -9.81
CA SER A 506 -3.35 -12.75 -8.74
C SER A 506 -2.46 -12.63 -7.54
N VAL A 507 -2.46 -11.44 -6.94
CA VAL A 507 -1.81 -11.25 -5.67
C VAL A 507 -2.80 -11.58 -4.58
N PRO A 508 -2.42 -12.50 -3.68
CA PRO A 508 -3.42 -13.10 -2.79
C PRO A 508 -4.27 -12.11 -2.00
N ILE A 509 -3.63 -11.16 -1.36
CA ILE A 509 -4.34 -10.34 -0.40
C ILE A 509 -5.23 -9.33 -1.13
N PRO A 510 -4.67 -8.61 -2.11
CA PRO A 510 -5.54 -7.78 -2.97
C PRO A 510 -6.71 -8.54 -3.63
N TRP A 511 -6.49 -9.76 -4.08
CA TRP A 511 -7.57 -10.53 -4.70
C TRP A 511 -8.66 -10.81 -3.68
N GLN A 512 -8.30 -11.24 -2.48
CA GLN A 512 -9.29 -11.48 -1.45
C GLN A 512 -10.04 -10.22 -1.05
N SER A 513 -9.37 -9.08 -0.92
CA SER A 513 -10.05 -7.83 -0.61
C SER A 513 -11.07 -7.47 -1.66
N GLU A 514 -10.68 -7.64 -2.92
CA GLU A 514 -11.56 -7.48 -4.05
C GLU A 514 -12.83 -8.33 -3.94
N MET A 515 -12.67 -9.62 -3.73
CA MET A 515 -13.83 -10.51 -3.56
C MET A 515 -14.76 -10.06 -2.44
N ILE A 516 -14.19 -9.55 -1.34
CA ILE A 516 -14.99 -9.04 -0.21
C ILE A 516 -15.66 -7.72 -0.55
N GLU A 517 -14.86 -6.75 -0.90
CA GLU A 517 -15.33 -5.43 -1.27
C GLU A 517 -16.45 -5.44 -2.29
N THR A 518 -16.37 -6.32 -3.29
CA THR A 518 -17.40 -6.38 -4.35
C THR A 518 -18.58 -7.27 -4.01
N GLU A 519 -18.59 -7.85 -2.82
CA GLU A 519 -19.66 -8.72 -2.34
C GLU A 519 -19.79 -10.05 -3.10
N CYS A 520 -18.76 -10.39 -3.87
CA CYS A 520 -18.64 -11.73 -4.41
C CYS A 520 -18.46 -12.73 -3.28
N PHE A 521 -17.73 -12.36 -2.24
CA PHE A 521 -17.61 -13.26 -1.11
C PHE A 521 -18.95 -13.53 -0.45
N LYS A 522 -19.65 -12.46 -0.09
CA LYS A 522 -20.85 -12.56 0.68
C LYS A 522 -21.91 -13.38 -0.07
N GLU A 523 -22.12 -13.08 -1.35
CA GLU A 523 -23.09 -13.80 -2.15
C GLU A 523 -22.74 -15.28 -2.43
N LEU A 524 -21.47 -15.56 -2.70
CA LEU A 524 -21.08 -16.91 -3.04
C LEU A 524 -20.73 -17.78 -1.86
N ASN A 525 -20.37 -17.17 -0.74
CA ASN A 525 -19.95 -17.96 0.42
C ASN A 525 -21.14 -18.47 1.20
N VAL A 526 -21.80 -19.48 0.66
CA VAL A 526 -23.01 -20.04 1.25
C VAL A 526 -22.72 -21.49 1.54
N PHE A 527 -23.34 -22.00 2.59
CA PHE A 527 -23.15 -23.39 2.99
C PHE A 527 -24.43 -24.19 2.85
N GLY A 528 -24.30 -25.50 3.00
CA GLY A 528 -25.42 -26.42 2.97
C GLY A 528 -26.50 -26.07 3.99
N PRO A 529 -27.76 -26.36 3.65
CA PRO A 529 -28.85 -25.91 4.49
C PRO A 529 -29.06 -26.79 5.70
N HIS A 530 -29.56 -26.18 6.77
CA HIS A 530 -29.97 -26.87 7.99
C HIS A 530 -28.93 -27.89 8.45
N GLY A 531 -27.73 -27.40 8.76
CA GLY A 531 -26.65 -28.24 9.26
C GLY A 531 -26.25 -29.40 8.36
N THR A 532 -26.04 -29.11 7.07
CA THR A 532 -25.55 -30.13 6.15
C THR A 532 -24.50 -29.50 5.27
N LEU A 533 -23.86 -30.31 4.45
CA LEU A 533 -22.88 -29.83 3.48
C LEU A 533 -23.53 -29.61 2.12
N SER A 534 -23.12 -28.52 1.45
CA SER A 534 -23.52 -28.20 0.10
C SER A 534 -22.80 -29.17 -0.82
N PRO A 535 -23.31 -29.40 -2.04
CA PRO A 535 -22.68 -30.35 -2.96
C PRO A 535 -21.19 -30.12 -3.17
N ASP A 536 -20.80 -28.87 -3.42
CA ASP A 536 -19.39 -28.54 -3.58
C ASP A 536 -18.50 -29.02 -2.39
N LEU A 537 -19.10 -29.28 -1.22
CA LEU A 537 -18.36 -29.77 -0.04
C LEU A 537 -18.58 -31.25 0.33
N ASN A 538 -19.52 -31.92 -0.32
CA ASN A 538 -19.71 -33.32 -0.03
C ASN A 538 -18.64 -34.11 -0.77
N ARG A 539 -17.95 -35.04 -0.11
CA ARG A 539 -16.90 -35.85 -0.77
C ARG A 539 -17.33 -37.25 -1.19
N SER A 540 -18.58 -37.62 -0.94
CA SER A 540 -19.17 -38.80 -1.56
C SER A 540 -19.57 -38.57 -3.02
N HIS A 541 -19.75 -37.31 -3.40
CA HIS A 541 -20.25 -36.91 -4.72
C HIS A 541 -20.04 -37.96 -5.81
OBC 453 B . 7.22 3.86 -18.92
CBB 453 B . 6.65 4.11 -17.89
NBD 453 B . 7.29 4.09 -16.74
CBE 453 B . 8.69 3.75 -16.64
CBF 453 B . 8.91 2.25 -16.60
CBK 453 B . 10.07 1.73 -17.12
CBJ 453 B . 10.30 0.35 -17.09
CBI 453 B . 9.33 -0.46 -16.53
CBH 453 B . 8.17 0.11 -16.02
NBG 453 B . 7.99 1.43 -16.06
CAY 453 B . 5.20 4.48 -17.96
CAZ 453 B . 4.79 5.69 -17.44
CAX 453 B . 4.28 3.65 -18.51
FBA 453 B . 4.68 2.50 -19.01
CAW 453 B . 2.95 4.00 -18.58
CAV 453 B . 2.53 5.20 -18.06
CAU 453 B . 3.47 6.06 -17.48
CAN 453 B . 2.98 7.34 -16.95
NAO 453 B . 4.05 8.34 -16.99
CAP 453 B . 4.82 8.72 -15.96
OAT 453 B . 5.80 9.45 -16.11
NAQ 453 B . 4.50 8.34 -14.74
CAR 453 B . 3.25 7.71 -14.55
CAS 453 B . 2.91 7.72 -13.09
CAM 453 B . 2.45 7.20 -15.59
CAK 453 B . 1.17 6.70 -15.03
OAL 453 B . 0.21 7.37 -15.39
NAJ 453 B . 1.11 5.66 -14.22
CAG 453 B . -0.02 5.27 -13.63
CAF 453 B . -1.30 5.84 -13.78
CAH 453 B . 0.18 4.27 -12.66
CAI 453 B . -0.85 3.75 -11.88
CAE 453 B . -2.11 4.26 -12.03
CAD 453 B . -2.35 5.33 -13.00
NAA 453 B . -3.30 4.05 -11.48
NAB 453 B . -4.32 4.87 -12.01
CAC 453 B . -3.73 5.66 -12.95
S SO4 C . -3.20 -13.39 -25.54
O1 SO4 C . -3.45 -11.97 -25.90
O2 SO4 C . -1.74 -13.62 -25.62
O3 SO4 C . -3.66 -13.71 -24.16
O4 SO4 C . -3.90 -14.30 -26.49
#